data_6U64
#
_entry.id   6U64
#
_cell.length_a   111.680
_cell.length_b   111.680
_cell.length_c   72.340
_cell.angle_alpha   90.000
_cell.angle_beta   90.000
_cell.angle_gamma   120.000
#
_symmetry.space_group_name_H-M   'H 3 2'
#
loop_
_entity.id
_entity.type
_entity.pdbx_description
1 polymer 'Induced myeloid leukemia cell differentiation protein Mcl-1'
2 non-polymer '5-[(2-phenylethyl)sulfanyl]-2-{[(4-phenylpiperazin-1-yl)sulfonyl]amino}benzoic acid'
3 water water
#
_entity_poly.entity_id   1
_entity_poly.type   'polypeptide(L)'
_entity_poly.pdbx_seq_one_letter_code
;EDELYRQSLEIISRYLREQATGAKDTKPMGRSGATSRKALETLRRVGDGVQRNHETAFQGMLRKLDIKNEDDVKSLSRVM
IHVFSDGVTNWGRIVTLISFGAFVAKHLKTINQESCIEPLAESITDVLVRTKRDWLVKQRGWDGFVEFFH
;
_entity_poly.pdbx_strand_id   A
#
# COMPACT_ATOMS: atom_id res chain seq x y z
N ASP A 2 -6.13 11.68 -13.58
CA ASP A 2 -6.22 10.23 -13.72
C ASP A 2 -7.12 9.64 -12.61
N GLU A 3 -8.19 8.96 -13.04
CA GLU A 3 -9.19 8.35 -12.17
C GLU A 3 -8.57 7.16 -11.49
N LEU A 4 -7.69 6.44 -12.20
CA LEU A 4 -6.97 5.32 -11.62
C LEU A 4 -6.04 5.79 -10.50
N TYR A 5 -5.31 6.93 -10.69
CA TYR A 5 -4.40 7.45 -9.65
C TYR A 5 -5.15 7.90 -8.39
N ARG A 6 -6.25 8.70 -8.53
CA ARG A 6 -7.09 9.24 -7.44
C ARG A 6 -7.87 8.15 -6.70
N GLN A 7 -8.34 7.11 -7.42
CA GLN A 7 -9.04 5.98 -6.82
C GLN A 7 -8.06 5.17 -5.98
N SER A 8 -6.87 4.91 -6.54
CA SER A 8 -5.80 4.14 -5.88
C SER A 8 -5.32 4.87 -4.62
N LEU A 9 -5.17 6.21 -4.69
CA LEU A 9 -4.76 7.04 -3.56
C LEU A 9 -5.80 7.00 -2.43
N GLU A 10 -7.11 7.03 -2.74
CA GLU A 10 -8.17 6.97 -1.72
C GLU A 10 -8.15 5.65 -0.96
N ILE A 11 -8.11 4.51 -1.70
CA ILE A 11 -8.12 3.16 -1.15
C ILE A 11 -6.83 2.89 -0.32
N ILE A 12 -5.65 3.23 -0.85
CA ILE A 12 -4.37 3.00 -0.17
C ILE A 12 -4.25 3.93 1.08
N SER A 13 -4.59 5.23 0.97
CA SER A 13 -4.54 6.19 2.10
C SER A 13 -5.47 5.77 3.25
N ARG A 14 -6.73 5.36 2.96
CA ARG A 14 -7.70 4.97 3.98
C ARG A 14 -7.24 3.71 4.74
N TYR A 15 -6.70 2.70 4.02
CA TYR A 15 -6.23 1.45 4.64
C TYR A 15 -5.04 1.70 5.54
N LEU A 16 -4.09 2.50 5.09
CA LEU A 16 -2.91 2.84 5.89
C LEU A 16 -3.28 3.64 7.13
N ARG A 17 -4.32 4.52 7.03
CA ARG A 17 -4.81 5.31 8.16
C ARG A 17 -5.53 4.41 9.18
N GLU A 18 -6.40 3.48 8.71
CA GLU A 18 -7.10 2.53 9.58
C GLU A 18 -6.09 1.68 10.35
N GLN A 19 -5.11 1.11 9.63
CA GLN A 19 -4.09 0.25 10.19
C GLN A 19 -3.23 0.95 11.22
N ALA A 20 -2.84 2.21 10.98
CA ALA A 20 -2.00 2.97 11.91
C ALA A 20 -2.73 3.29 13.21
N THR A 21 -4.01 3.70 13.15
CA THR A 21 -4.78 4.03 14.35
C THR A 21 -5.59 2.80 14.82
N GLY A 22 -6.78 2.61 14.26
CA GLY A 22 -7.69 1.53 14.62
C GLY A 22 -9.12 2.03 14.61
N ALA A 23 -9.55 2.58 13.45
CA ALA A 23 -10.88 3.13 13.21
C ALA A 23 -11.20 3.12 11.70
N LYS A 24 -10.77 4.15 10.93
CA LYS A 24 -10.01 5.34 11.34
C LYS A 24 -10.76 6.64 11.05
N ASP A 25 -10.13 7.80 11.38
CA ASP A 25 -10.64 9.15 11.14
C ASP A 25 -10.04 9.72 9.85
N THR A 26 -10.87 10.47 9.08
CA THR A 26 -10.51 11.10 7.81
C THR A 26 -9.49 12.22 8.00
N GLY A 33 -19.65 5.12 -6.56
CA GLY A 33 -18.35 4.46 -6.52
C GLY A 33 -18.24 3.35 -5.49
N ALA A 34 -18.99 2.25 -5.69
CA ALA A 34 -18.99 1.08 -4.81
C ALA A 34 -17.66 0.29 -4.85
N THR A 35 -16.96 0.27 -6.02
CA THR A 35 -15.70 -0.47 -6.21
C THR A 35 -14.65 -0.02 -5.17
N SER A 36 -14.42 1.30 -5.00
CA SER A 36 -13.52 1.87 -3.97
C SER A 36 -13.83 1.29 -2.57
N ARG A 37 -15.12 1.20 -2.20
CA ARG A 37 -15.58 0.65 -0.90
C ARG A 37 -15.34 -0.85 -0.81
N LYS A 38 -15.68 -1.61 -1.87
CA LYS A 38 -15.50 -3.06 -1.93
C LYS A 38 -14.02 -3.45 -2.00
N ALA A 39 -13.16 -2.55 -2.54
CA ALA A 39 -11.72 -2.78 -2.59
C ALA A 39 -11.12 -2.61 -1.21
N LEU A 40 -11.70 -1.75 -0.37
CA LEU A 40 -11.21 -1.55 0.99
C LEU A 40 -11.46 -2.78 1.88
N GLU A 41 -12.68 -3.34 1.79
CA GLU A 41 -13.13 -4.55 2.52
C GLU A 41 -12.27 -5.78 2.11
N THR A 42 -11.88 -5.86 0.82
CA THR A 42 -11.05 -6.96 0.33
C THR A 42 -9.66 -6.76 0.90
N LEU A 43 -9.13 -5.52 0.80
CA LEU A 43 -7.81 -5.13 1.27
C LEU A 43 -7.71 -5.30 2.79
N ARG A 44 -8.76 -4.95 3.55
CA ARG A 44 -8.75 -5.19 4.98
C ARG A 44 -8.60 -6.70 5.26
N ARG A 45 -9.35 -7.56 4.53
CA ARG A 45 -9.28 -9.01 4.68
C ARG A 45 -7.95 -9.60 4.15
N VAL A 46 -7.55 -9.31 2.91
CA VAL A 46 -6.35 -9.94 2.37
C VAL A 46 -5.07 -9.26 2.95
N GLY A 47 -5.06 -7.93 3.04
CA GLY A 47 -3.97 -7.13 3.57
C GLY A 47 -3.60 -7.51 4.98
N ASP A 48 -4.61 -7.74 5.85
CA ASP A 48 -4.36 -8.17 7.24
C ASP A 48 -3.71 -9.55 7.24
N GLY A 49 -4.21 -10.46 6.38
CA GLY A 49 -3.64 -11.79 6.21
C GLY A 49 -2.19 -11.74 5.74
N VAL A 50 -1.85 -10.86 4.77
CA VAL A 50 -0.46 -10.74 4.31
C VAL A 50 0.44 -10.24 5.48
N GLN A 51 -0.07 -9.29 6.31
CA GLN A 51 0.69 -8.78 7.47
C GLN A 51 0.90 -9.82 8.56
N ARG A 52 0.02 -10.83 8.65
CA ARG A 52 0.18 -11.90 9.63
C ARG A 52 1.11 -13.00 9.10
N ASN A 53 0.94 -13.39 7.84
CA ASN A 53 1.69 -14.47 7.21
C ASN A 53 3.13 -14.10 6.87
N HIS A 54 3.42 -12.83 6.59
CA HIS A 54 4.74 -12.35 6.20
C HIS A 54 5.29 -11.33 7.20
N GLU A 55 4.91 -11.40 8.50
CA GLU A 55 5.43 -10.44 9.48
C GLU A 55 6.97 -10.51 9.55
N THR A 56 7.55 -11.70 9.48
CA THR A 56 9.00 -11.90 9.51
C THR A 56 9.72 -11.08 8.43
N ALA A 57 9.35 -11.29 7.17
CA ALA A 57 9.95 -10.57 6.07
C ALA A 57 9.66 -9.06 6.18
N PHE A 58 8.46 -8.69 6.63
CA PHE A 58 8.08 -7.28 6.84
C PHE A 58 8.95 -6.61 7.95
N GLN A 59 9.22 -7.32 9.06
CA GLN A 59 10.11 -6.85 10.14
C GLN A 59 11.52 -6.74 9.67
N GLY A 60 11.98 -7.69 8.88
CA GLY A 60 13.32 -7.66 8.31
C GLY A 60 13.56 -6.47 7.39
N MET A 61 12.63 -6.23 6.43
CA MET A 61 12.72 -5.12 5.47
C MET A 61 12.68 -3.77 6.18
N LEU A 62 11.78 -3.62 7.18
CA LEU A 62 11.58 -2.44 8.01
C LEU A 62 12.84 -2.10 8.83
N ARG A 63 13.48 -3.11 9.45
CA ARG A 63 14.70 -2.91 10.21
C ARG A 63 15.80 -2.44 9.26
N LYS A 64 15.93 -3.12 8.09
CA LYS A 64 16.93 -2.80 7.08
C LYS A 64 16.71 -1.42 6.46
N LEU A 65 15.47 -1.06 6.08
CA LEU A 65 15.23 0.25 5.47
C LEU A 65 15.23 1.43 6.48
N ASP A 66 15.10 1.13 7.81
CA ASP A 66 15.03 2.02 8.98
C ASP A 66 13.70 2.76 8.99
N ILE A 67 13.52 3.72 8.03
CA ILE A 67 12.32 4.53 7.73
C ILE A 67 11.71 5.12 9.02
N LYS A 68 12.15 6.36 9.36
CA LYS A 68 11.83 7.10 10.56
C LYS A 68 11.29 8.53 10.29
N ASN A 69 11.33 9.02 9.03
CA ASN A 69 10.88 10.37 8.66
C ASN A 69 10.49 10.46 7.15
N GLU A 70 9.94 11.63 6.73
CA GLU A 70 9.47 11.92 5.38
C GLU A 70 10.62 11.90 4.35
N ASP A 71 11.84 12.28 4.77
CA ASP A 71 13.02 12.24 3.92
C ASP A 71 13.39 10.78 3.64
N ASP A 72 13.24 9.90 4.66
CA ASP A 72 13.45 8.45 4.54
C ASP A 72 12.39 7.84 3.60
N VAL A 73 11.13 8.35 3.68
CA VAL A 73 9.97 7.93 2.86
C VAL A 73 10.21 8.31 1.40
N LYS A 74 10.74 9.52 1.15
CA LYS A 74 11.02 10.05 -0.18
C LYS A 74 12.11 9.27 -0.93
N SER A 75 13.28 9.03 -0.29
CA SER A 75 14.39 8.33 -0.93
C SER A 75 14.04 6.86 -1.22
N LEU A 76 13.25 6.20 -0.34
CA LEU A 76 12.85 4.81 -0.54
C LEU A 76 11.97 4.68 -1.81
N SER A 77 11.05 5.63 -2.04
CA SER A 77 10.15 5.63 -3.20
C SER A 77 10.90 5.65 -4.51
N ARG A 78 12.01 6.39 -4.58
CA ARG A 78 12.84 6.52 -5.77
C ARG A 78 13.54 5.19 -6.06
N VAL A 79 13.81 4.38 -5.04
CA VAL A 79 14.44 3.07 -5.22
C VAL A 79 13.34 2.01 -5.52
N MET A 80 12.21 2.11 -4.79
CA MET A 80 11.04 1.25 -4.84
C MET A 80 10.39 1.29 -6.24
N ILE A 81 10.31 2.48 -6.92
CA ILE A 81 9.76 2.59 -8.30
C ILE A 81 10.54 1.64 -9.26
N HIS A 82 11.88 1.73 -9.24
CA HIS A 82 12.75 0.94 -10.09
C HIS A 82 12.60 -0.57 -9.85
N VAL A 83 12.72 -1.03 -8.58
CA VAL A 83 12.69 -2.47 -8.29
C VAL A 83 11.27 -3.03 -8.47
N PHE A 84 10.21 -2.23 -8.27
CA PHE A 84 8.85 -2.75 -8.43
C PHE A 84 8.45 -2.88 -9.91
N SER A 85 9.12 -2.16 -10.82
CA SER A 85 8.80 -2.28 -12.25
C SER A 85 9.42 -3.53 -12.87
N ASP A 86 10.37 -4.15 -12.16
CA ASP A 86 11.02 -5.38 -12.61
C ASP A 86 10.22 -6.61 -12.21
N GLY A 87 10.25 -7.63 -13.07
CA GLY A 87 9.65 -8.94 -12.81
C GLY A 87 8.15 -9.04 -12.98
N VAL A 88 7.59 -10.25 -12.81
CA VAL A 88 6.16 -10.53 -13.00
C VAL A 88 5.28 -9.67 -12.08
N THR A 89 4.07 -9.39 -12.59
CA THR A 89 3.05 -8.63 -11.88
C THR A 89 1.84 -9.53 -11.65
N ASN A 90 1.27 -9.47 -10.46
CA ASN A 90 0.08 -10.20 -10.06
C ASN A 90 -0.50 -9.46 -8.84
N TRP A 91 -1.76 -9.73 -8.48
CA TRP A 91 -2.43 -9.06 -7.36
C TRP A 91 -1.77 -9.30 -6.00
N GLY A 92 -1.19 -10.48 -5.79
CA GLY A 92 -0.45 -10.84 -4.56
C GLY A 92 0.71 -9.89 -4.34
N ARG A 93 1.42 -9.52 -5.43
CA ARG A 93 2.54 -8.63 -5.39
C ARG A 93 2.06 -7.21 -5.08
N ILE A 94 0.90 -6.84 -5.64
CA ILE A 94 0.37 -5.51 -5.42
C ILE A 94 -0.17 -5.40 -3.97
N VAL A 95 -0.85 -6.45 -3.49
CA VAL A 95 -1.36 -6.42 -2.14
C VAL A 95 -0.19 -6.46 -1.13
N THR A 96 0.97 -7.06 -1.49
CA THR A 96 2.13 -7.11 -0.59
C THR A 96 2.72 -5.71 -0.47
N LEU A 97 2.78 -4.96 -1.59
CA LEU A 97 3.26 -3.59 -1.55
C LEU A 97 2.44 -2.74 -0.55
N ILE A 98 1.08 -2.78 -0.67
CA ILE A 98 0.12 -2.05 0.14
C ILE A 98 0.19 -2.53 1.59
N SER A 99 0.32 -3.86 1.78
CA SER A 99 0.45 -4.46 3.11
C SER A 99 1.69 -3.97 3.80
N PHE A 100 2.78 -3.84 3.05
CA PHE A 100 4.06 -3.35 3.58
C PHE A 100 3.91 -1.88 3.96
N GLY A 101 3.16 -1.13 3.15
CA GLY A 101 2.84 0.26 3.41
C GLY A 101 2.10 0.40 4.73
N ALA A 102 1.12 -0.48 4.96
CA ALA A 102 0.33 -0.48 6.22
C ALA A 102 1.23 -0.83 7.42
N PHE A 103 2.21 -1.76 7.22
CA PHE A 103 3.14 -2.20 8.25
C PHE A 103 4.09 -1.05 8.68
N VAL A 104 4.57 -0.27 7.69
CA VAL A 104 5.45 0.87 7.87
C VAL A 104 4.67 1.95 8.63
N ALA A 105 3.41 2.20 8.22
CA ALA A 105 2.52 3.19 8.82
C ALA A 105 2.26 2.89 10.32
N LYS A 106 2.06 1.59 10.68
CA LYS A 106 1.89 1.15 12.09
C LYS A 106 3.14 1.50 12.90
N HIS A 107 4.32 1.40 12.27
CA HIS A 107 5.60 1.69 12.88
C HIS A 107 5.75 3.21 13.08
N LEU A 108 5.28 4.03 12.09
CA LEU A 108 5.36 5.51 12.13
C LEU A 108 4.54 6.05 13.30
N LYS A 109 3.33 5.52 13.53
CA LYS A 109 2.47 5.87 14.66
C LYS A 109 3.11 5.43 15.98
N THR A 110 3.91 4.33 15.96
CA THR A 110 4.60 3.78 17.13
C THR A 110 5.72 4.73 17.62
N ILE A 111 6.44 5.38 16.67
CA ILE A 111 7.56 6.29 17.00
C ILE A 111 7.14 7.78 16.93
N ASN A 112 5.83 8.06 16.79
CA ASN A 112 5.38 9.44 16.68
C ASN A 112 4.21 9.73 17.65
N GLN A 113 3.08 10.16 17.05
CA GLN A 113 1.77 10.48 17.62
C GLN A 113 0.71 10.12 16.57
N GLU A 114 1.11 10.16 15.26
CA GLU A 114 0.29 9.85 14.09
C GLU A 114 1.16 9.68 12.80
N SER A 115 1.53 10.80 12.14
CA SER A 115 2.25 10.99 10.88
C SER A 115 3.74 10.48 10.90
N CYS A 116 4.44 10.45 9.70
CA CYS A 116 3.87 10.90 8.42
C CYS A 116 3.61 9.77 7.43
N ILE A 117 2.36 9.29 7.47
CA ILE A 117 1.80 8.18 6.72
C ILE A 117 1.07 8.64 5.42
N GLU A 118 0.70 9.94 5.31
CA GLU A 118 0.05 10.51 4.12
C GLU A 118 1.10 10.58 2.96
N PRO A 119 2.31 11.19 3.14
CA PRO A 119 3.35 11.10 2.07
C PRO A 119 3.75 9.66 1.75
N LEU A 120 3.62 8.75 2.72
CA LEU A 120 3.91 7.32 2.53
C LEU A 120 2.88 6.70 1.57
N ALA A 121 1.57 7.00 1.76
CA ALA A 121 0.47 6.50 0.94
C ALA A 121 0.57 7.05 -0.50
N GLU A 122 1.00 8.32 -0.67
CA GLU A 122 1.18 8.95 -1.98
C GLU A 122 2.29 8.24 -2.73
N SER A 123 3.41 7.97 -2.03
CA SER A 123 4.59 7.30 -2.54
C SER A 123 4.25 5.84 -2.91
N ILE A 124 3.44 5.12 -2.10
CA ILE A 124 3.02 3.75 -2.44
C ILE A 124 2.12 3.77 -3.70
N THR A 125 1.18 4.73 -3.80
CA THR A 125 0.28 4.87 -4.95
C THR A 125 1.07 5.19 -6.22
N ASP A 126 2.00 6.19 -6.13
CA ASP A 126 2.86 6.59 -7.23
C ASP A 126 3.67 5.41 -7.73
N VAL A 127 4.22 4.56 -6.82
CA VAL A 127 4.96 3.34 -7.17
C VAL A 127 4.05 2.37 -7.96
N LEU A 128 2.82 2.20 -7.45
CA LEU A 128 1.86 1.28 -8.03
C LEU A 128 1.37 1.74 -9.41
N VAL A 129 0.78 2.93 -9.51
CA VAL A 129 0.18 3.45 -10.75
C VAL A 129 1.26 3.81 -11.81
N ARG A 130 2.43 4.36 -11.43
CA ARG A 130 3.45 4.71 -12.42
C ARG A 130 4.11 3.48 -13.05
N THR A 131 4.22 2.37 -12.30
CA THR A 131 4.86 1.18 -12.82
C THR A 131 3.85 0.14 -13.35
N LYS A 132 2.65 0.06 -12.77
CA LYS A 132 1.73 -1.01 -13.17
C LYS A 132 0.47 -0.57 -13.93
N ARG A 133 0.36 0.73 -14.30
CA ARG A 133 -0.81 1.31 -15.01
C ARG A 133 -1.36 0.40 -16.13
N ASP A 134 -0.50 -0.12 -17.05
CA ASP A 134 -0.93 -0.96 -18.19
C ASP A 134 -1.57 -2.27 -17.71
N TRP A 135 -0.88 -3.01 -16.82
CA TRP A 135 -1.35 -4.25 -16.26
C TRP A 135 -2.68 -4.00 -15.49
N LEU A 136 -2.73 -2.95 -14.64
CA LEU A 136 -3.92 -2.54 -13.90
C LEU A 136 -5.11 -2.23 -14.85
N VAL A 137 -4.82 -1.65 -16.03
CA VAL A 137 -5.83 -1.36 -17.05
C VAL A 137 -6.34 -2.70 -17.62
N LYS A 138 -5.43 -3.55 -18.14
CA LYS A 138 -5.75 -4.86 -18.72
C LYS A 138 -6.50 -5.77 -17.74
N GLN A 139 -6.33 -5.56 -16.41
CA GLN A 139 -6.97 -6.37 -15.35
C GLN A 139 -8.29 -5.76 -14.81
N ARG A 140 -8.82 -4.71 -15.46
CA ARG A 140 -10.06 -4.04 -15.06
C ARG A 140 -9.92 -3.38 -13.67
N GLY A 141 -8.79 -2.69 -13.48
CA GLY A 141 -8.45 -1.91 -12.28
C GLY A 141 -8.82 -2.50 -10.95
N TRP A 142 -9.26 -1.64 -10.02
CA TRP A 142 -9.66 -2.03 -8.67
C TRP A 142 -10.88 -2.95 -8.65
N ASP A 143 -11.64 -3.02 -9.74
CA ASP A 143 -12.78 -3.92 -9.82
C ASP A 143 -12.28 -5.34 -10.02
N GLY A 144 -11.23 -5.48 -10.81
CA GLY A 144 -10.58 -6.77 -11.05
C GLY A 144 -9.96 -7.33 -9.80
N PHE A 145 -9.49 -6.44 -8.90
CA PHE A 145 -8.88 -6.75 -7.60
C PHE A 145 -9.91 -7.43 -6.69
N VAL A 146 -11.14 -6.89 -6.62
CA VAL A 146 -12.26 -7.40 -5.81
C VAL A 146 -12.60 -8.82 -6.26
N GLU A 147 -12.79 -9.03 -7.58
CA GLU A 147 -13.11 -10.34 -8.16
C GLU A 147 -12.03 -11.37 -7.90
N PHE A 148 -10.75 -11.00 -8.02
CA PHE A 148 -9.64 -11.93 -7.84
C PHE A 148 -9.65 -12.58 -6.46
N PHE A 149 -10.05 -11.83 -5.41
CA PHE A 149 -10.10 -12.32 -4.02
C PHE A 149 -11.53 -12.46 -3.44
N HIS A 150 -12.57 -12.61 -4.31
CA HIS A 150 -13.98 -12.75 -3.91
C HIS A 150 -14.16 -13.84 -2.85
#